data_8S6K
#
_entry.id   8S6K
#
_cell.length_a   45.992
_cell.length_b   69.667
_cell.length_c   87.367
_cell.angle_alpha   90.00
_cell.angle_beta   102.99
_cell.angle_gamma   90.00
#
_symmetry.space_group_name_H-M   'P 1 21 1'
#
loop_
_entity.id
_entity.type
_entity.pdbx_description
1 polymer ScFv-G2D11
2 polymer 'Mucin-1 subunit alpha'
3 non-polymer 1,2-ETHANEDIOL
4 non-polymer 2-acetamido-2-deoxy-alpha-D-galactopyranose
5 water water
#
loop_
_entity_poly.entity_id
_entity_poly.type
_entity_poly.pdbx_seq_one_letter_code
_entity_poly.pdbx_strand_id
1 'polypeptide(L)'
;QVQLQQSDAELVKPGASVKISCKASGYIFADHAIHWVKRKPEQGLEWIGYISPGNDDIKYNEKFKGKATLTADKSSSTAY
MQLNSLTSEDSAVYFCKRSLPGTFDYWGQGTTLTVSSSSGGGGSGGGGGSSGSSDVVMTQSHKFMSTSVGDRVSITCKAS
QDVGTAVAWYQQKPGQSPKLLIYWASTRHTGVPDRFTGSGSGTDFTLTISNVQSEDLADYFCQQYSSYPLTFGGGTKLEM
KRGGHHHHHH
;
A,H
2 'polypeptide(L)' APGSTAP(NH2) M,N
#
loop_
_chem_comp.id
_chem_comp.type
_chem_comp.name
_chem_comp.formula
A2G D-saccharide, alpha linking 2-acetamido-2-deoxy-alpha-D-galactopyranose 'C8 H15 N O6'
EDO non-polymer 1,2-ETHANEDIOL 'C2 H6 O2'
NH2 non-polymer 'AMINO GROUP' 'H2 N'
#
# COMPACT_ATOMS: atom_id res chain seq x y z
N GLN A 1 11.59 17.52 4.07
CA GLN A 1 11.01 18.49 3.10
C GLN A 1 9.49 18.24 2.94
N VAL A 2 8.90 17.04 3.13
CA VAL A 2 7.45 16.95 3.42
C VAL A 2 7.19 17.63 4.77
N GLN A 3 6.20 18.50 4.82
CA GLN A 3 5.82 19.22 6.06
C GLN A 3 4.32 19.40 6.11
N LEU A 4 3.73 19.23 7.28
CA LEU A 4 2.33 19.61 7.58
C LEU A 4 2.38 20.53 8.79
N GLN A 5 2.20 21.82 8.57
CA GLN A 5 2.40 22.82 9.62
C GLN A 5 1.01 23.30 10.05
N GLN A 6 0.64 23.01 11.29
CA GLN A 6 -0.68 23.39 11.80
C GLN A 6 -0.59 24.77 12.47
N SER A 7 -1.75 25.37 12.62
CA SER A 7 -1.92 26.64 13.35
C SER A 7 -1.72 26.46 14.86
N ASP A 8 -1.59 27.60 15.52
CA ASP A 8 -1.31 27.77 16.97
C ASP A 8 -2.49 27.31 17.81
N ALA A 9 -2.21 26.97 19.06
CA ALA A 9 -3.18 26.61 20.11
C ALA A 9 -4.30 27.67 20.16
N GLU A 10 -5.52 27.24 20.41
CA GLU A 10 -6.75 28.09 20.44
C GLU A 10 -7.41 27.96 21.80
N LEU A 11 -7.81 29.11 22.35
CA LEU A 11 -8.50 29.21 23.65
C LEU A 11 -9.79 29.96 23.36
N VAL A 12 -10.94 29.31 23.49
CA VAL A 12 -12.23 29.92 23.09
C VAL A 12 -13.30 29.60 24.13
N LYS A 13 -14.39 30.36 24.04
CA LYS A 13 -15.61 30.25 24.86
C LYS A 13 -16.49 29.16 24.28
N PRO A 14 -17.21 28.40 25.13
CA PRO A 14 -18.29 27.54 24.70
C PRO A 14 -19.17 28.33 23.74
N GLY A 15 -19.63 27.68 22.67
CA GLY A 15 -20.54 28.26 21.66
C GLY A 15 -19.79 28.90 20.51
N ALA A 16 -18.50 29.15 20.65
CA ALA A 16 -17.74 29.78 19.55
C ALA A 16 -17.44 28.70 18.49
N SER A 17 -16.83 29.13 17.41
CA SER A 17 -16.25 28.26 16.34
C SER A 17 -14.75 28.49 16.31
N VAL A 18 -13.99 27.55 15.73
CA VAL A 18 -12.54 27.74 15.46
C VAL A 18 -12.26 27.10 14.09
N LYS A 19 -11.29 27.65 13.39
CA LYS A 19 -10.83 27.05 12.13
C LYS A 19 -9.34 26.79 12.27
N ILE A 20 -8.94 25.52 12.25
CA ILE A 20 -7.53 25.06 12.40
C ILE A 20 -6.99 24.80 10.99
N SER A 21 -5.79 25.27 10.71
CA SER A 21 -5.17 25.12 9.38
C SER A 21 -4.08 24.06 9.45
N CYS A 22 -3.78 23.52 8.29
CA CYS A 22 -2.76 22.47 8.07
C CYS A 22 -2.06 22.84 6.76
N LYS A 23 -0.95 23.55 6.83
CA LYS A 23 -0.22 23.94 5.60
C LYS A 23 0.72 22.83 5.10
N ALA A 24 0.51 22.34 3.89
CA ALA A 24 1.29 21.21 3.33
C ALA A 24 2.40 21.77 2.46
N SER A 25 3.59 21.18 2.55
CA SER A 25 4.66 21.52 1.59
C SER A 25 5.46 20.25 1.25
N GLY A 26 6.18 20.33 0.14
CA GLY A 26 7.24 19.37 -0.20
C GLY A 26 6.68 18.19 -0.98
N TYR A 27 5.43 18.30 -1.44
CA TYR A 27 4.80 17.29 -2.31
C TYR A 27 3.65 17.94 -3.08
N ILE A 28 3.07 17.21 -4.01
CA ILE A 28 1.93 17.75 -4.82
C ILE A 28 0.68 17.65 -3.96
N PHE A 29 0.10 18.81 -3.63
CA PHE A 29 -1.02 18.88 -2.69
C PHE A 29 -2.18 18.01 -3.17
N ALA A 30 -2.43 18.01 -4.46
CA ALA A 30 -3.58 17.35 -5.10
C ALA A 30 -3.47 15.84 -4.98
N ASP A 31 -2.30 15.27 -4.67
CA ASP A 31 -2.05 13.84 -4.86
C ASP A 31 -2.32 13.05 -3.57
N HIS A 32 -2.69 13.70 -2.46
CA HIS A 32 -2.93 12.93 -1.19
C HIS A 32 -4.07 13.56 -0.43
N ALA A 33 -4.96 12.75 0.11
CA ALA A 33 -5.97 13.23 1.06
C ALA A 33 -5.31 13.64 2.39
N ILE A 34 -5.91 14.61 3.05
CA ILE A 34 -5.56 15.04 4.39
C ILE A 34 -6.71 14.64 5.32
N HIS A 35 -6.35 13.86 6.33
CA HIS A 35 -7.25 13.37 7.37
C HIS A 35 -7.12 14.27 8.59
N TRP A 36 -8.18 14.25 9.40
CA TRP A 36 -8.16 14.95 10.70
C TRP A 36 -8.50 13.97 11.81
N VAL A 37 -7.79 14.10 12.91
CA VAL A 37 -7.82 13.17 14.06
C VAL A 37 -7.88 13.98 15.36
N LYS A 38 -8.71 13.54 16.30
CA LYS A 38 -8.88 14.20 17.62
C LYS A 38 -8.22 13.30 18.67
N ARG A 39 -7.35 13.85 19.50
CA ARG A 39 -6.78 13.16 20.69
C ARG A 39 -7.14 13.93 21.97
N LYS A 40 -7.85 13.31 22.91
CA LYS A 40 -8.06 13.81 24.30
C LYS A 40 -6.97 13.21 25.18
N PRO A 41 -6.33 14.01 26.06
CA PRO A 41 -5.32 13.56 27.02
C PRO A 41 -5.58 12.18 27.61
N GLU A 42 -4.60 11.27 27.47
CA GLU A 42 -4.60 9.93 28.11
C GLU A 42 -5.60 9.00 27.41
N GLN A 43 -6.28 9.48 26.37
CA GLN A 43 -7.45 8.78 25.77
C GLN A 43 -7.20 8.60 24.27
N GLY A 44 -8.07 7.81 23.67
CA GLY A 44 -7.86 7.20 22.35
C GLY A 44 -7.96 8.24 21.27
N LEU A 45 -7.48 7.92 20.09
CA LEU A 45 -7.59 8.78 18.90
C LEU A 45 -8.95 8.51 18.29
N GLU A 46 -9.49 9.51 17.62
CA GLU A 46 -10.77 9.38 16.89
C GLU A 46 -10.58 10.02 15.54
N TRP A 47 -11.07 9.39 14.50
CA TRP A 47 -10.94 9.90 13.13
C TRP A 47 -12.14 10.83 12.85
N ILE A 48 -11.88 12.00 12.33
CA ILE A 48 -12.93 13.02 12.05
C ILE A 48 -13.42 12.92 10.60
N GLY A 49 -12.50 12.88 9.64
CA GLY A 49 -12.84 12.87 8.20
C GLY A 49 -11.59 13.09 7.37
N TYR A 50 -11.75 13.08 6.07
CA TYR A 50 -10.68 13.46 5.12
C TYR A 50 -11.25 14.44 4.13
N ILE A 51 -10.34 15.22 3.57
CA ILE A 51 -10.60 15.95 2.31
C ILE A 51 -9.51 15.53 1.33
N SER A 52 -9.94 15.17 0.13
CA SER A 52 -9.08 14.79 -1.01
C SER A 52 -9.08 15.94 -2.01
N PRO A 53 -8.11 16.86 -1.93
CA PRO A 53 -8.19 18.08 -2.72
C PRO A 53 -8.15 17.88 -4.24
N GLY A 54 -7.51 16.82 -4.72
CA GLY A 54 -7.33 16.53 -6.15
C GLY A 54 -8.65 16.15 -6.83
N ASN A 55 -9.65 15.66 -6.11
CA ASN A 55 -10.90 15.20 -6.75
C ASN A 55 -12.10 15.75 -5.95
N ASP A 56 -11.87 16.68 -5.00
CA ASP A 56 -12.85 17.35 -4.13
C ASP A 56 -13.76 16.33 -3.45
N ASP A 57 -13.21 15.21 -3.05
CA ASP A 57 -13.94 14.18 -2.29
C ASP A 57 -13.78 14.48 -0.79
N ILE A 58 -14.87 14.58 -0.03
CA ILE A 58 -14.83 14.87 1.42
C ILE A 58 -15.63 13.75 2.06
N LYS A 59 -15.09 13.16 3.08
CA LYS A 59 -15.80 12.11 3.81
C LYS A 59 -15.69 12.42 5.28
N TYR A 60 -16.81 12.30 5.99
CA TYR A 60 -16.92 12.53 7.43
C TYR A 60 -17.19 11.24 8.17
N ASN A 61 -16.65 11.21 9.37
CA ASN A 61 -17.16 10.32 10.45
C ASN A 61 -18.54 10.89 10.82
N GLU A 62 -19.61 10.08 10.73
CA GLU A 62 -21.00 10.49 11.10
C GLU A 62 -21.00 11.15 12.47
N LYS A 63 -20.14 10.71 13.39
CA LYS A 63 -20.05 11.22 14.76
C LYS A 63 -19.73 12.73 14.73
N PHE A 64 -18.98 13.20 13.75
CA PHE A 64 -18.53 14.62 13.69
C PHE A 64 -19.34 15.46 12.69
N LYS A 65 -20.31 14.87 11.99
CA LYS A 65 -21.22 15.68 11.14
C LYS A 65 -22.01 16.65 12.02
N GLY A 66 -22.08 17.93 11.63
CA GLY A 66 -22.71 18.93 12.51
C GLY A 66 -21.76 19.57 13.50
N LYS A 67 -20.50 19.15 13.50
CA LYS A 67 -19.46 19.67 14.40
C LYS A 67 -18.23 20.11 13.60
N ALA A 68 -17.84 19.33 12.61
CA ALA A 68 -16.61 19.59 11.83
C ALA A 68 -16.94 19.90 10.38
N THR A 69 -16.23 20.84 9.80
CA THR A 69 -16.32 21.11 8.35
C THR A 69 -14.93 21.19 7.74
N LEU A 70 -14.62 20.34 6.76
CA LEU A 70 -13.29 20.30 6.12
C LEU A 70 -13.33 21.04 4.80
N THR A 71 -12.34 21.88 4.60
CA THR A 71 -12.14 22.56 3.31
C THR A 71 -10.66 22.47 2.97
N ALA A 72 -10.33 22.84 1.74
CA ALA A 72 -8.93 22.89 1.29
C ALA A 72 -8.77 24.00 0.26
N ASP A 73 -7.69 24.75 0.40
CA ASP A 73 -7.39 25.88 -0.50
C ASP A 73 -6.22 25.44 -1.38
N LYS A 74 -6.45 25.01 -2.59
CA LYS A 74 -5.34 24.58 -3.45
C LYS A 74 -4.38 25.74 -3.70
N SER A 75 -4.82 26.98 -3.63
CA SER A 75 -3.95 28.13 -3.93
C SER A 75 -2.82 28.23 -2.88
N SER A 76 -3.04 27.71 -1.67
CA SER A 76 -2.12 27.86 -0.52
C SER A 76 -1.67 26.47 -0.07
N SER A 77 -2.14 25.42 -0.70
CA SER A 77 -1.87 24.00 -0.27
C SER A 77 -2.19 23.88 1.20
N THR A 78 -3.33 24.44 1.62
CA THR A 78 -3.74 24.43 3.04
C THR A 78 -5.07 23.71 3.18
N ALA A 79 -5.10 22.78 4.12
CA ALA A 79 -6.36 22.14 4.55
C ALA A 79 -6.81 22.83 5.84
N TYR A 80 -8.11 22.96 5.99
CA TYR A 80 -8.77 23.60 7.14
C TYR A 80 -9.82 22.67 7.72
N MET A 81 -9.89 22.67 9.04
CA MET A 81 -10.98 22.05 9.79
C MET A 81 -11.63 23.11 10.67
N GLN A 82 -12.91 23.41 10.38
CA GLN A 82 -13.69 24.33 11.23
C GLN A 82 -14.52 23.46 12.19
N LEU A 83 -14.42 23.76 13.47
CA LEU A 83 -15.26 23.13 14.51
C LEU A 83 -16.26 24.15 15.03
N ASN A 84 -17.55 23.81 14.98
CA ASN A 84 -18.64 24.79 15.30
C ASN A 84 -19.25 24.42 16.64
N SER A 85 -19.92 25.39 17.26
CA SER A 85 -20.85 25.15 18.38
C SER A 85 -20.09 24.47 19.53
N LEU A 86 -18.99 25.07 19.95
CA LEU A 86 -17.97 24.34 20.78
C LEU A 86 -18.43 24.16 22.23
N THR A 87 -18.08 23.03 22.82
CA THR A 87 -18.25 22.69 24.25
C THR A 87 -16.93 22.18 24.81
N SER A 88 -16.89 21.97 26.13
CA SER A 88 -15.70 21.38 26.79
C SER A 88 -15.37 20.04 26.16
N GLU A 89 -16.37 19.30 25.64
CA GLU A 89 -16.15 17.95 25.06
C GLU A 89 -15.29 18.09 23.79
N ASP A 90 -15.14 19.30 23.23
CA ASP A 90 -14.31 19.58 22.04
C ASP A 90 -12.84 19.89 22.39
N SER A 91 -12.54 20.21 23.65
CA SER A 91 -11.17 20.39 24.15
C SER A 91 -10.36 19.13 23.85
N ALA A 92 -9.32 19.27 23.06
CA ALA A 92 -8.49 18.14 22.60
C ALA A 92 -7.30 18.67 21.84
N VAL A 93 -6.42 17.74 21.44
CA VAL A 93 -5.37 18.01 20.45
C VAL A 93 -5.88 17.46 19.14
N TYR A 94 -5.85 18.29 18.10
CA TYR A 94 -6.28 17.94 16.73
C TYR A 94 -5.05 17.85 15.84
N PHE A 95 -4.95 16.75 15.12
CA PHE A 95 -3.90 16.52 14.13
C PHE A 95 -4.48 16.53 12.72
N CYS A 96 -3.72 17.09 11.76
CA CYS A 96 -3.92 16.73 10.34
C CYS A 96 -2.84 15.72 9.96
N LYS A 97 -3.13 14.87 9.01
CA LYS A 97 -2.16 13.87 8.54
C LYS A 97 -2.44 13.46 7.12
N ARG A 98 -1.39 12.96 6.45
CA ARG A 98 -1.46 12.63 5.04
C ARG A 98 -1.79 11.17 4.82
N SER A 99 -2.80 10.93 3.95
CA SER A 99 -3.04 9.61 3.34
C SER A 99 -3.61 8.61 4.36
N LEU A 100 -3.72 7.37 3.90
CA LEU A 100 -4.00 6.20 4.78
C LEU A 100 -2.67 5.71 5.33
N PRO A 101 -2.68 4.82 6.34
CA PRO A 101 -1.45 4.21 6.83
C PRO A 101 -0.75 3.53 5.65
N GLY A 102 0.56 3.77 5.54
CA GLY A 102 1.35 3.29 4.42
C GLY A 102 2.46 4.28 4.17
N THR A 103 3.10 4.16 3.05
CA THR A 103 4.35 4.88 2.80
C THR A 103 4.21 6.39 2.84
N PHE A 104 3.02 6.97 2.70
CA PHE A 104 2.89 8.45 2.64
C PHE A 104 2.43 8.96 4.01
N ASP A 105 2.28 8.08 5.00
CA ASP A 105 1.83 8.52 6.35
C ASP A 105 2.76 9.66 6.83
N TYR A 106 2.21 10.78 7.29
CA TYR A 106 2.95 11.96 7.77
C TYR A 106 1.95 12.80 8.54
N TRP A 107 2.37 13.31 9.69
CA TRP A 107 1.48 14.01 10.65
C TRP A 107 1.94 15.45 10.87
N GLY A 108 0.99 16.36 11.00
CA GLY A 108 1.21 17.70 11.55
C GLY A 108 1.62 17.59 13.01
N GLN A 109 2.06 18.70 13.59
CA GLN A 109 2.56 18.75 14.99
C GLN A 109 1.40 18.80 15.96
N GLY A 110 0.16 18.95 15.46
CA GLY A 110 -1.00 19.03 16.35
C GLY A 110 -1.32 20.47 16.77
N THR A 111 -2.57 20.72 17.08
CA THR A 111 -3.11 22.03 17.55
C THR A 111 -3.97 21.73 18.79
N THR A 112 -3.64 22.32 19.91
CA THR A 112 -4.45 22.19 21.15
C THR A 112 -5.61 23.16 21.07
N LEU A 113 -6.83 22.66 21.21
CA LEU A 113 -8.03 23.51 21.41
C LEU A 113 -8.44 23.39 22.86
N THR A 114 -8.50 24.52 23.55
CA THR A 114 -9.10 24.59 24.90
C THR A 114 -10.39 25.40 24.83
N VAL A 115 -11.53 24.79 25.17
CA VAL A 115 -12.84 25.47 25.33
C VAL A 115 -13.00 25.81 26.82
N SER A 116 -13.04 27.11 27.16
CA SER A 116 -13.46 27.64 28.50
C SER A 116 -14.53 26.73 29.12
N GLY A 125 -25.45 19.73 27.66
CA GLY A 125 -25.15 18.29 27.82
C GLY A 125 -25.72 17.47 26.65
N GLY A 126 -24.93 16.45 26.25
CA GLY A 126 -25.23 15.42 25.25
C GLY A 126 -25.44 15.99 23.86
N GLY A 127 -24.87 17.17 23.53
CA GLY A 127 -24.95 17.75 22.19
C GLY A 127 -23.88 17.20 21.22
N GLY A 128 -22.91 16.43 21.72
CA GLY A 128 -21.89 15.88 20.80
C GLY A 128 -22.42 14.67 20.05
N GLY A 129 -21.69 14.24 19.01
CA GLY A 129 -22.12 13.08 18.20
C GLY A 129 -21.86 11.79 18.95
N SER A 130 -22.46 10.67 18.51
CA SER A 130 -22.18 9.29 19.00
C SER A 130 -21.65 8.46 17.84
N SER A 131 -20.88 7.42 18.14
CA SER A 131 -20.49 6.36 17.17
C SER A 131 -21.75 5.59 16.72
N GLY A 132 -21.71 5.05 15.51
CA GLY A 132 -22.73 4.12 14.98
C GLY A 132 -22.57 2.75 15.61
N SER A 133 -23.68 2.03 15.74
CA SER A 133 -23.68 0.64 16.26
C SER A 133 -22.93 -0.26 15.27
N SER A 134 -22.77 0.19 14.04
CA SER A 134 -22.10 -0.50 12.91
C SER A 134 -20.57 -0.28 12.91
N ASP A 135 -20.07 0.74 13.62
CA ASP A 135 -18.63 1.10 13.53
C ASP A 135 -17.74 -0.02 14.11
N VAL A 136 -16.55 -0.25 13.55
CA VAL A 136 -15.63 -1.26 14.13
C VAL A 136 -15.05 -0.69 15.44
N VAL A 137 -15.03 -1.50 16.49
CA VAL A 137 -14.41 -1.17 17.79
C VAL A 137 -13.08 -1.90 17.84
N MET A 138 -12.02 -1.17 18.16
CA MET A 138 -10.67 -1.74 18.33
C MET A 138 -10.33 -1.70 19.81
N THR A 139 -10.20 -2.88 20.44
CA THR A 139 -10.04 -2.97 21.90
C THR A 139 -8.59 -3.35 22.22
N GLN A 140 -7.85 -2.46 22.87
CA GLN A 140 -6.53 -2.83 23.47
C GLN A 140 -6.80 -3.17 24.94
N SER A 141 -6.66 -4.42 25.33
CA SER A 141 -6.99 -4.94 26.70
C SER A 141 -6.22 -4.21 27.80
N HIS A 142 -4.96 -3.81 27.57
CA HIS A 142 -4.14 -3.16 28.62
C HIS A 142 -3.93 -1.67 28.30
N LYS A 143 -4.36 -0.80 29.19
CA LYS A 143 -4.11 0.66 29.04
C LYS A 143 -2.68 0.97 29.48
N PHE A 144 -2.16 0.14 30.38
CA PHE A 144 -0.78 0.27 30.88
C PHE A 144 -0.08 -1.06 30.85
N MET A 145 1.19 -1.03 30.43
CA MET A 145 2.02 -2.25 30.44
C MET A 145 3.41 -1.89 30.94
N SER A 146 3.98 -2.79 31.75
CA SER A 146 5.34 -2.64 32.34
C SER A 146 6.29 -3.61 31.63
N THR A 147 7.54 -3.19 31.38
CA THR A 147 8.58 -4.09 30.87
C THR A 147 9.94 -3.76 31.49
N SER A 148 10.93 -4.59 31.18
CA SER A 148 12.35 -4.32 31.47
C SER A 148 13.11 -4.23 30.15
N VAL A 149 14.09 -3.36 30.05
CA VAL A 149 14.97 -3.31 28.84
C VAL A 149 15.47 -4.73 28.49
N GLY A 150 15.36 -5.09 27.22
CA GLY A 150 15.81 -6.39 26.66
C GLY A 150 14.70 -7.43 26.60
N ASP A 151 13.56 -7.18 27.25
CA ASP A 151 12.42 -8.14 27.22
C ASP A 151 11.67 -8.05 25.89
N ARG A 152 10.81 -9.02 25.65
CA ARG A 152 9.87 -8.97 24.50
C ARG A 152 8.56 -8.40 25.01
N VAL A 153 8.02 -7.45 24.26
CA VAL A 153 6.72 -6.80 24.59
C VAL A 153 5.71 -7.24 23.54
N SER A 154 4.52 -7.70 23.92
CA SER A 154 3.41 -8.00 22.96
C SER A 154 2.21 -7.12 23.33
N ILE A 155 1.74 -6.31 22.39
CA ILE A 155 0.61 -5.40 22.62
C ILE A 155 -0.47 -5.88 21.66
N THR A 156 -1.65 -6.22 22.16
CA THR A 156 -2.69 -6.82 21.31
C THR A 156 -3.86 -5.90 21.17
N CYS A 157 -4.51 -6.07 20.04
CA CYS A 157 -5.66 -5.24 19.63
C CYS A 157 -6.68 -6.23 19.06
N LYS A 158 -7.88 -6.25 19.59
CA LYS A 158 -8.97 -7.07 19.04
C LYS A 158 -9.97 -6.16 18.33
N ALA A 159 -10.36 -6.53 17.11
CA ALA A 159 -11.38 -5.79 16.33
C ALA A 159 -12.70 -6.49 16.58
N SER A 160 -13.78 -5.70 16.63
CA SER A 160 -15.16 -6.20 16.84
C SER A 160 -15.69 -6.86 15.55
N GLN A 161 -15.06 -6.69 14.40
CA GLN A 161 -15.43 -7.44 13.17
C GLN A 161 -14.19 -7.73 12.36
N ASP A 162 -14.30 -8.64 11.40
CA ASP A 162 -13.21 -9.00 10.47
C ASP A 162 -12.76 -7.72 9.73
N VAL A 163 -11.53 -7.30 9.92
CA VAL A 163 -10.93 -6.14 9.21
C VAL A 163 -9.83 -6.64 8.28
N GLY A 164 -9.77 -7.95 8.02
CA GLY A 164 -8.75 -8.52 7.08
C GLY A 164 -7.37 -8.27 7.62
N THR A 165 -6.47 -7.60 6.88
CA THR A 165 -5.12 -7.25 7.39
C THR A 165 -4.94 -5.72 7.31
N ALA A 166 -6.00 -4.94 7.27
CA ALA A 166 -5.92 -3.47 7.16
C ALA A 166 -5.83 -2.88 8.55
N VAL A 167 -4.69 -3.12 9.19
CA VAL A 167 -4.43 -2.64 10.57
C VAL A 167 -3.06 -1.99 10.56
N ALA A 168 -2.97 -0.89 11.24
CA ALA A 168 -1.73 -0.15 11.46
C ALA A 168 -1.43 -0.08 12.95
N TRP A 169 -0.15 0.13 13.27
CA TRP A 169 0.34 0.47 14.61
C TRP A 169 1.11 1.77 14.58
N TYR A 170 0.81 2.61 15.56
CA TYR A 170 1.46 3.92 15.82
C TYR A 170 2.11 3.92 17.21
N GLN A 171 3.25 4.58 17.31
CA GLN A 171 3.88 5.02 18.58
C GLN A 171 3.60 6.50 18.77
N GLN A 172 3.31 6.92 20.01
CA GLN A 172 3.30 8.36 20.32
C GLN A 172 3.99 8.65 21.66
N LYS A 173 4.90 9.62 21.64
CA LYS A 173 5.56 10.18 22.85
C LYS A 173 4.89 11.50 23.23
N PRO A 174 4.97 11.89 24.51
CA PRO A 174 4.30 13.11 24.97
C PRO A 174 4.77 14.34 24.17
N GLY A 175 3.82 15.17 23.77
CA GLY A 175 4.02 16.40 22.98
C GLY A 175 4.49 16.13 21.55
N GLN A 176 4.50 14.88 21.09
CA GLN A 176 4.97 14.55 19.72
C GLN A 176 3.79 13.98 18.93
N SER A 177 3.89 13.93 17.62
CA SER A 177 2.80 13.40 16.78
C SER A 177 2.98 11.88 16.68
N PRO A 178 1.90 11.11 16.44
CA PRO A 178 2.03 9.68 16.19
C PRO A 178 3.02 9.37 15.07
N LYS A 179 3.68 8.24 15.22
CA LYS A 179 4.69 7.75 14.24
C LYS A 179 4.26 6.38 13.76
N LEU A 180 4.15 6.19 12.45
CA LEU A 180 3.69 4.90 11.89
C LEU A 180 4.80 3.88 12.14
N LEU A 181 4.45 2.74 12.72
CA LEU A 181 5.41 1.62 12.88
C LEU A 181 5.13 0.51 11.82
N ILE A 182 3.86 0.06 11.74
CA ILE A 182 3.45 -1.14 11.02
C ILE A 182 2.21 -0.80 10.23
N TYR A 183 2.12 -1.30 9.01
CA TYR A 183 0.84 -1.22 8.28
C TYR A 183 0.61 -2.50 7.50
N TRP A 184 -0.63 -2.67 7.02
CA TRP A 184 -1.03 -3.95 6.41
C TRP A 184 -0.74 -5.11 7.37
N ALA A 185 -0.94 -4.86 8.66
CA ALA A 185 -0.79 -5.79 9.82
C ALA A 185 0.66 -6.12 10.12
N SER A 186 1.52 -6.30 9.12
CA SER A 186 2.88 -6.89 9.34
C SER A 186 4.00 -6.17 8.59
N THR A 187 3.70 -5.09 7.86
CA THR A 187 4.73 -4.41 7.04
C THR A 187 5.33 -3.28 7.88
N ARG A 188 6.65 -3.30 8.04
CA ARG A 188 7.36 -2.26 8.82
CA ARG A 188 7.35 -2.26 8.82
C ARG A 188 7.49 -1.02 7.94
N HIS A 189 7.14 0.13 8.47
CA HIS A 189 7.33 1.45 7.79
C HIS A 189 8.82 1.78 7.70
N THR A 190 9.18 2.51 6.67
CA THR A 190 10.59 2.88 6.40
C THR A 190 11.16 3.51 7.66
N GLY A 191 12.33 3.06 8.08
CA GLY A 191 13.07 3.74 9.18
C GLY A 191 12.79 3.13 10.52
N VAL A 192 11.78 2.28 10.64
CA VAL A 192 11.36 1.74 11.96
C VAL A 192 12.35 0.65 12.29
N PRO A 193 12.84 0.57 13.55
CA PRO A 193 13.83 -0.44 13.87
C PRO A 193 13.30 -1.86 13.65
N ASP A 194 14.26 -2.74 13.33
CA ASP A 194 14.00 -4.18 13.04
C ASP A 194 13.22 -4.82 14.17
N ARG A 195 13.41 -4.40 15.42
CA ARG A 195 12.80 -5.06 16.59
C ARG A 195 11.27 -4.92 16.63
N PHE A 196 10.67 -4.04 15.80
CA PHE A 196 9.19 -3.89 15.79
C PHE A 196 8.62 -4.80 14.72
N THR A 197 7.74 -5.72 15.13
CA THR A 197 7.05 -6.61 14.17
C THR A 197 5.55 -6.57 14.46
N GLY A 198 4.78 -6.83 13.43
CA GLY A 198 3.33 -6.87 13.50
C GLY A 198 2.86 -8.21 12.99
N SER A 199 1.77 -8.69 13.53
CA SER A 199 1.14 -9.92 13.03
C SER A 199 -0.37 -9.79 13.17
N GLY A 200 -1.06 -10.66 12.47
CA GLY A 200 -2.49 -10.86 12.71
C GLY A 200 -3.36 -10.66 11.48
N SER A 201 -4.57 -11.14 11.57
CA SER A 201 -5.59 -10.99 10.53
C SER A 201 -6.94 -11.27 11.14
N GLY A 202 -7.99 -10.78 10.50
CA GLY A 202 -9.36 -11.00 10.96
C GLY A 202 -9.67 -10.08 12.12
N THR A 203 -9.65 -10.60 13.36
CA THR A 203 -9.99 -9.82 14.57
C THR A 203 -8.84 -9.72 15.55
N ASP A 204 -7.71 -10.37 15.34
CA ASP A 204 -6.64 -10.38 16.37
CA ASP A 204 -6.65 -10.35 16.38
C ASP A 204 -5.35 -9.81 15.77
N PHE A 205 -4.78 -8.81 16.42
CA PHE A 205 -3.59 -8.14 15.90
C PHE A 205 -2.65 -7.86 17.05
N THR A 206 -1.37 -8.05 16.80
CA THR A 206 -0.32 -7.87 17.82
C THR A 206 0.85 -7.06 17.24
N LEU A 207 1.30 -6.11 18.01
CA LEU A 207 2.60 -5.45 17.84
C LEU A 207 3.58 -6.07 18.82
N THR A 208 4.68 -6.59 18.31
CA THR A 208 5.76 -7.18 19.15
C THR A 208 6.95 -6.24 19.10
N ILE A 209 7.47 -5.91 20.27
CA ILE A 209 8.76 -5.20 20.37
C ILE A 209 9.75 -6.18 21.00
N SER A 210 10.61 -6.78 20.19
CA SER A 210 11.73 -7.63 20.67
C SER A 210 12.82 -6.76 21.32
N ASN A 211 13.50 -7.28 22.35
CA ASN A 211 14.73 -6.61 22.85
C ASN A 211 14.40 -5.12 23.11
N VAL A 212 13.33 -4.87 23.86
CA VAL A 212 12.76 -3.51 24.03
C VAL A 212 13.80 -2.60 24.70
N GLN A 213 13.89 -1.36 24.21
CA GLN A 213 14.80 -0.34 24.75
C GLN A 213 14.04 0.79 25.47
N SER A 214 14.77 1.59 26.24
CA SER A 214 14.16 2.73 26.99
C SER A 214 13.54 3.74 25.99
N GLU A 215 14.08 3.89 24.79
CA GLU A 215 13.51 4.89 23.83
C GLU A 215 12.14 4.40 23.33
N ASP A 216 11.81 3.13 23.59
CA ASP A 216 10.54 2.49 23.10
C ASP A 216 9.40 2.72 24.12
N LEU A 217 9.69 3.26 25.31
CA LEU A 217 8.64 3.59 26.30
C LEU A 217 7.83 4.77 25.75
N ALA A 218 6.53 4.57 25.57
CA ALA A 218 5.66 5.46 24.78
C ALA A 218 4.26 4.88 24.82
N ASP A 219 3.29 5.58 24.24
CA ASP A 219 1.94 5.03 23.98
C ASP A 219 1.94 4.34 22.63
N TYR A 220 1.22 3.24 22.52
CA TYR A 220 1.05 2.50 21.24
C TYR A 220 -0.45 2.38 20.98
N PHE A 221 -0.86 2.58 19.72
CA PHE A 221 -2.27 2.55 19.27
C PHE A 221 -2.37 1.71 18.00
N CYS A 222 -3.36 0.84 17.89
CA CYS A 222 -3.72 0.16 16.64
C CYS A 222 -4.79 1.00 15.93
N GLN A 223 -4.92 0.84 14.63
CA GLN A 223 -5.95 1.51 13.83
C GLN A 223 -6.39 0.51 12.76
N GLN A 224 -7.67 0.39 12.50
CA GLN A 224 -8.19 -0.35 11.35
C GLN A 224 -8.53 0.67 10.26
N TYR A 225 -8.18 0.33 9.04
CA TYR A 225 -8.59 1.09 7.84
C TYR A 225 -9.27 0.18 6.81
N SER A 226 -9.92 -0.88 7.31
CA SER A 226 -10.82 -1.76 6.53
C SER A 226 -12.03 -1.00 6.08
N SER A 227 -12.64 -0.22 6.96
CA SER A 227 -13.95 0.42 6.64
C SER A 227 -14.02 1.75 7.36
N TYR A 228 -14.79 2.67 6.81
CA TYR A 228 -15.09 3.96 7.47
C TYR A 228 -16.26 3.79 8.44
N PRO A 229 -16.28 4.50 9.57
CA PRO A 229 -15.20 5.40 9.94
C PRO A 229 -13.96 4.65 10.41
N LEU A 230 -12.79 5.20 10.13
CA LEU A 230 -11.51 4.61 10.58
C LEU A 230 -11.53 4.71 12.09
N THR A 231 -11.13 3.67 12.79
CA THR A 231 -11.20 3.65 14.28
C THR A 231 -9.87 3.14 14.84
N PHE A 232 -9.54 3.63 16.00
CA PHE A 232 -8.29 3.40 16.73
C PHE A 232 -8.60 2.62 18.01
N GLY A 233 -7.64 1.82 18.45
CA GLY A 233 -7.67 1.23 19.79
C GLY A 233 -7.50 2.30 20.84
N GLY A 234 -7.76 1.96 22.10
CA GLY A 234 -7.74 2.92 23.21
C GLY A 234 -6.32 3.29 23.63
N GLY A 235 -5.30 2.58 23.13
CA GLY A 235 -3.91 2.90 23.49
C GLY A 235 -3.40 2.05 24.64
N THR A 236 -2.10 1.76 24.59
CA THR A 236 -1.33 1.10 25.66
C THR A 236 -0.12 1.97 25.93
N LYS A 237 0.03 2.42 27.18
CA LYS A 237 1.24 3.15 27.64
C LYS A 237 2.23 2.12 28.17
N LEU A 238 3.35 1.99 27.48
CA LEU A 238 4.40 1.03 27.87
C LEU A 238 5.39 1.78 28.77
N GLU A 239 5.63 1.24 29.97
CA GLU A 239 6.48 1.91 30.99
C GLU A 239 7.51 0.93 31.52
N MET A 240 8.52 1.45 32.22
CA MET A 240 9.56 0.63 32.90
C MET A 240 8.96 -0.02 34.15
N LYS A 241 9.14 -1.33 34.32
CA LYS A 241 8.97 -2.00 35.65
C LYS A 241 9.84 -1.28 36.69
N GLN B 1 -3.86 11.15 -16.59
CA GLN B 1 -3.63 10.18 -17.69
C GLN B 1 -2.16 9.73 -17.78
N VAL B 2 -1.89 8.64 -17.10
CA VAL B 2 -0.54 8.06 -17.00
C VAL B 2 -0.34 7.27 -18.30
N GLN B 3 0.85 7.33 -18.87
CA GLN B 3 1.20 6.47 -20.02
C GLN B 3 2.60 5.93 -19.88
N LEU B 4 2.80 4.68 -20.27
CA LEU B 4 4.13 4.07 -20.48
C LEU B 4 4.18 3.59 -21.94
N GLN B 5 4.91 4.30 -22.78
CA GLN B 5 4.96 4.06 -24.25
C GLN B 5 6.27 3.35 -24.56
N GLN B 6 6.17 2.09 -24.96
CA GLN B 6 7.38 1.30 -25.30
C GLN B 6 7.67 1.45 -26.79
N SER B 7 8.92 1.15 -27.12
CA SER B 7 9.41 1.13 -28.52
C SER B 7 8.86 -0.10 -29.26
N ASP B 8 9.10 -0.11 -30.58
CA ASP B 8 8.50 -1.03 -31.57
C ASP B 8 9.10 -2.42 -31.44
N ALA B 9 8.41 -3.43 -31.96
CA ALA B 9 8.90 -4.82 -32.12
C ALA B 9 10.29 -4.80 -32.76
N GLU B 10 11.16 -5.72 -32.34
CA GLU B 10 12.57 -5.83 -32.76
C GLU B 10 12.80 -7.24 -33.30
N LEU B 11 13.52 -7.33 -34.42
CA LEU B 11 13.91 -8.61 -35.07
C LEU B 11 15.43 -8.56 -35.25
N VAL B 12 16.18 -9.45 -34.60
CA VAL B 12 17.67 -9.36 -34.54
C VAL B 12 18.27 -10.77 -34.67
N LYS B 13 19.56 -10.78 -34.98
CA LYS B 13 20.44 -11.97 -35.12
C LYS B 13 20.91 -12.40 -33.74
N PRO B 14 21.02 -13.73 -33.49
CA PRO B 14 21.72 -14.23 -32.33
C PRO B 14 23.06 -13.51 -32.20
N GLY B 15 23.41 -13.13 -30.97
CA GLY B 15 24.69 -12.45 -30.65
C GLY B 15 24.55 -10.95 -30.64
N ALA B 16 23.50 -10.38 -31.22
CA ALA B 16 23.33 -8.92 -31.21
C ALA B 16 22.84 -8.46 -29.82
N SER B 17 22.73 -7.14 -29.67
CA SER B 17 22.13 -6.45 -28.49
C SER B 17 20.91 -5.67 -28.95
N VAL B 18 19.99 -5.34 -28.03
CA VAL B 18 18.83 -4.46 -28.32
C VAL B 18 18.65 -3.58 -27.10
N LYS B 19 18.20 -2.36 -27.33
CA LYS B 19 17.78 -1.42 -26.29
C LYS B 19 16.32 -1.07 -26.53
N ILE B 20 15.46 -1.42 -25.57
CA ILE B 20 13.99 -1.17 -25.55
C ILE B 20 13.77 0.07 -24.70
N SER B 21 12.95 0.99 -25.14
CA SER B 21 12.64 2.23 -24.39
C SER B 21 11.22 2.13 -23.81
N CYS B 22 11.04 2.87 -22.74
CA CYS B 22 9.76 2.96 -21.98
C CYS B 22 9.56 4.42 -21.63
N LYS B 23 8.74 5.14 -22.41
CA LYS B 23 8.60 6.60 -22.23
C LYS B 23 7.43 6.86 -21.27
N ALA B 24 7.70 7.49 -20.15
CA ALA B 24 6.70 7.71 -19.08
C ALA B 24 6.11 9.10 -19.23
N SER B 25 4.80 9.26 -19.04
CA SER B 25 4.17 10.60 -19.01
C SER B 25 3.00 10.59 -18.01
N GLY B 26 2.56 11.79 -17.60
CA GLY B 26 1.36 12.00 -16.80
C GLY B 26 1.61 11.80 -15.31
N TYR B 27 2.88 11.75 -14.88
CA TYR B 27 3.23 11.68 -13.45
C TYR B 27 4.68 12.13 -13.28
N ILE B 28 5.14 12.28 -12.04
CA ILE B 28 6.53 12.73 -11.78
C ILE B 28 7.43 11.52 -11.94
N PHE B 29 8.30 11.55 -12.95
CA PHE B 29 9.16 10.40 -13.32
C PHE B 29 9.98 9.94 -12.11
N ALA B 30 10.49 10.89 -11.33
CA ALA B 30 11.35 10.66 -10.15
C ALA B 30 10.60 9.86 -9.06
N ASP B 31 9.27 9.82 -9.10
CA ASP B 31 8.48 9.37 -7.92
C ASP B 31 8.09 7.89 -7.95
N HIS B 32 8.46 7.13 -8.97
CA HIS B 32 8.16 5.68 -9.04
C HIS B 32 9.27 4.95 -9.79
N ALA B 33 9.61 3.79 -9.29
CA ALA B 33 10.48 2.84 -9.99
C ALA B 33 9.76 2.24 -11.20
N ILE B 34 10.55 1.93 -12.22
CA ILE B 34 10.09 1.23 -13.43
C ILE B 34 10.73 -0.14 -13.39
N HIS B 35 9.88 -1.13 -13.47
CA HIS B 35 10.33 -2.53 -13.45
C HIS B 35 10.23 -3.08 -14.86
N TRP B 36 10.99 -4.13 -15.12
CA TRP B 36 10.94 -4.81 -16.42
C TRP B 36 10.61 -6.27 -16.19
N VAL B 37 9.73 -6.78 -17.05
CA VAL B 37 9.12 -8.13 -16.97
C VAL B 37 9.17 -8.77 -18.37
N LYS B 38 9.53 -10.04 -18.41
CA LYS B 38 9.63 -10.86 -19.65
C LYS B 38 8.43 -11.80 -19.67
N ARG B 39 7.69 -11.82 -20.78
CA ARG B 39 6.55 -12.74 -21.03
C ARG B 39 6.91 -13.60 -22.25
N LYS B 40 7.33 -14.84 -22.00
CA LYS B 40 7.80 -15.77 -23.04
C LYS B 40 6.68 -16.75 -23.25
N PRO B 41 6.19 -16.94 -24.50
CA PRO B 41 4.97 -17.69 -24.83
C PRO B 41 4.72 -18.96 -23.99
N GLU B 42 5.59 -19.96 -24.10
CA GLU B 42 5.34 -21.32 -23.53
C GLU B 42 5.66 -21.32 -22.04
N GLN B 43 5.97 -20.16 -21.48
CA GLN B 43 6.19 -19.97 -20.04
C GLN B 43 5.04 -19.08 -19.53
N GLY B 44 5.36 -18.29 -18.49
CA GLY B 44 4.61 -17.15 -17.95
C GLY B 44 5.48 -15.88 -17.85
N LEU B 45 5.64 -15.36 -16.62
CA LEU B 45 6.22 -14.01 -16.37
C LEU B 45 7.49 -14.12 -15.51
N GLU B 46 8.47 -13.30 -15.83
CA GLU B 46 9.74 -13.26 -15.08
C GLU B 46 10.08 -11.81 -14.82
N TRP B 47 10.50 -11.51 -13.60
CA TRP B 47 10.91 -10.16 -13.23
C TRP B 47 12.41 -10.02 -13.54
N ILE B 48 12.77 -8.92 -14.18
CA ILE B 48 14.17 -8.70 -14.65
C ILE B 48 14.91 -7.80 -13.65
N GLY B 49 14.25 -6.72 -13.23
CA GLY B 49 14.84 -5.71 -12.33
C GLY B 49 14.00 -4.46 -12.31
N TYR B 50 14.43 -3.49 -11.52
CA TYR B 50 13.87 -2.14 -11.57
C TYR B 50 14.99 -1.11 -11.63
N ILE B 51 14.63 0.05 -12.12
CA ILE B 51 15.40 1.31 -11.92
C ILE B 51 14.49 2.34 -11.26
N SER B 52 15.00 2.93 -10.18
CA SER B 52 14.35 3.99 -9.40
C SER B 52 15.02 5.31 -9.74
N PRO B 53 14.49 6.10 -10.69
CA PRO B 53 15.19 7.28 -11.18
C PRO B 53 15.35 8.40 -10.15
N GLY B 54 14.47 8.46 -9.14
CA GLY B 54 14.53 9.52 -8.10
C GLY B 54 15.73 9.40 -7.19
N ASN B 55 16.24 8.18 -6.97
CA ASN B 55 17.35 7.97 -6.03
C ASN B 55 18.46 7.14 -6.72
N ASP B 56 18.40 6.95 -8.03
CA ASP B 56 19.39 6.19 -8.85
C ASP B 56 19.62 4.79 -8.29
N ASP B 57 18.62 4.15 -7.73
CA ASP B 57 18.72 2.77 -7.19
C ASP B 57 18.37 1.80 -8.33
N ILE B 58 19.21 0.79 -8.62
CA ILE B 58 18.95 -0.19 -9.69
C ILE B 58 19.08 -1.56 -9.04
N LYS B 59 18.11 -2.41 -9.26
CA LYS B 59 18.16 -3.75 -8.68
C LYS B 59 17.85 -4.74 -9.78
N TYR B 60 18.69 -5.78 -9.90
CA TYR B 60 18.52 -6.86 -10.88
C TYR B 60 18.09 -8.12 -10.17
N ASN B 61 17.28 -8.90 -10.89
CA ASN B 61 17.17 -10.35 -10.69
C ASN B 61 18.55 -10.95 -11.03
N GLU B 62 19.18 -11.67 -10.09
CA GLU B 62 20.47 -12.37 -10.32
C GLU B 62 20.44 -13.15 -11.65
N LYS B 63 19.30 -13.77 -11.98
CA LYS B 63 19.14 -14.56 -13.22
C LYS B 63 19.50 -13.71 -14.46
N PHE B 64 19.21 -12.41 -14.45
CA PHE B 64 19.35 -11.53 -15.64
C PHE B 64 20.63 -10.70 -15.58
N LYS B 65 21.43 -10.82 -14.53
CA LYS B 65 22.76 -10.14 -14.51
C LYS B 65 23.61 -10.74 -15.65
N GLY B 66 24.25 -9.90 -16.44
CA GLY B 66 25.02 -10.35 -17.61
C GLY B 66 24.18 -10.44 -18.86
N LYS B 67 22.89 -10.13 -18.77
CA LYS B 67 21.94 -10.21 -19.90
C LYS B 67 21.20 -8.87 -20.06
N ALA B 68 20.83 -8.24 -18.94
CA ALA B 68 19.99 -7.01 -18.96
C ALA B 68 20.76 -5.86 -18.31
N THR B 69 20.60 -4.67 -18.88
CA THR B 69 21.15 -3.44 -18.27
C THR B 69 20.09 -2.35 -18.30
N LEU B 70 19.75 -1.82 -17.13
CA LEU B 70 18.69 -0.79 -17.02
C LEU B 70 19.33 0.58 -16.88
N THR B 71 18.80 1.53 -17.64
CA THR B 71 19.19 2.95 -17.48
C THR B 71 17.93 3.80 -17.53
N ALA B 72 18.08 5.10 -17.28
CA ALA B 72 16.98 6.07 -17.38
C ALA B 72 17.53 7.43 -17.77
N ASP B 73 16.79 8.13 -18.60
CA ASP B 73 17.14 9.51 -19.01
C ASP B 73 16.12 10.43 -18.33
N LYS B 74 16.50 11.04 -17.22
CA LYS B 74 15.59 11.90 -16.43
C LYS B 74 15.04 13.02 -17.34
N SER B 75 15.84 13.54 -18.28
CA SER B 75 15.46 14.68 -19.15
C SER B 75 14.23 14.34 -20.00
N SER B 76 14.11 13.08 -20.42
CA SER B 76 13.08 12.62 -21.39
C SER B 76 12.06 11.72 -20.69
N SER B 77 12.22 11.53 -19.39
CA SER B 77 11.37 10.61 -18.57
C SER B 77 11.29 9.27 -19.29
N THR B 78 12.43 8.75 -19.74
CA THR B 78 12.49 7.47 -20.49
C THR B 78 13.39 6.48 -19.72
N ALA B 79 12.87 5.28 -19.53
CA ALA B 79 13.58 4.12 -18.99
C ALA B 79 13.99 3.26 -20.17
N TYR B 80 15.19 2.68 -20.10
CA TYR B 80 15.74 1.80 -21.15
C TYR B 80 16.17 0.48 -20.54
N MET B 81 15.97 -0.56 -21.32
CA MET B 81 16.50 -1.88 -21.02
C MET B 81 17.31 -2.37 -22.23
N GLN B 82 18.59 -2.56 -22.02
CA GLN B 82 19.46 -3.19 -23.02
C GLN B 82 19.57 -4.68 -22.71
N LEU B 83 19.32 -5.52 -23.69
CA LEU B 83 19.57 -6.99 -23.59
C LEU B 83 20.76 -7.31 -24.49
N ASN B 84 21.73 -8.06 -23.98
CA ASN B 84 23.02 -8.29 -24.70
C ASN B 84 23.14 -9.77 -25.04
N SER B 85 24.01 -10.11 -26.01
CA SER B 85 24.43 -11.51 -26.23
C SER B 85 23.22 -12.37 -26.53
N LEU B 86 22.37 -11.93 -27.45
CA LEU B 86 20.99 -12.48 -27.57
C LEU B 86 20.97 -13.89 -28.17
N THR B 87 20.10 -14.74 -27.65
CA THR B 87 19.77 -16.08 -28.20
C THR B 87 18.26 -16.18 -28.40
N SER B 88 17.83 -17.26 -29.04
CA SER B 88 16.39 -17.58 -29.17
C SER B 88 15.71 -17.56 -27.79
N GLU B 89 16.42 -17.91 -26.71
CA GLU B 89 15.82 -17.95 -25.36
C GLU B 89 15.44 -16.54 -24.89
N ASP B 90 15.90 -15.48 -25.56
CA ASP B 90 15.55 -14.06 -25.26
C ASP B 90 14.32 -13.60 -26.03
N SER B 91 13.89 -14.33 -27.06
CA SER B 91 12.61 -14.08 -27.77
C SER B 91 11.48 -14.07 -26.74
N ALA B 92 10.78 -12.96 -26.65
CA ALA B 92 9.67 -12.80 -25.67
C ALA B 92 9.00 -11.47 -25.94
N VAL B 93 7.96 -11.18 -25.15
CA VAL B 93 7.41 -9.83 -25.05
C VAL B 93 7.96 -9.28 -23.74
N TYR B 94 8.51 -8.07 -23.80
CA TYR B 94 9.11 -7.38 -22.64
C TYR B 94 8.20 -6.20 -22.28
N PHE B 95 7.83 -6.13 -21.00
CA PHE B 95 7.00 -5.04 -20.49
C PHE B 95 7.81 -4.17 -19.55
N CYS B 96 7.61 -2.86 -19.63
CA CYS B 96 7.94 -1.97 -18.51
C CYS B 96 6.67 -1.72 -17.71
N LYS B 97 6.83 -1.44 -16.43
CA LYS B 97 5.67 -1.21 -15.57
C LYS B 97 6.09 -0.38 -14.38
N ARG B 98 5.09 0.29 -13.79
CA ARG B 98 5.36 1.26 -12.73
C ARG B 98 5.11 0.64 -11.36
N SER B 99 6.06 0.81 -10.45
CA SER B 99 5.93 0.53 -9.00
C SER B 99 5.79 -0.95 -8.68
N LEU B 100 5.48 -1.21 -7.43
CA LEU B 100 5.13 -2.55 -6.91
C LEU B 100 3.64 -2.71 -7.15
N PRO B 101 3.10 -3.92 -6.97
CA PRO B 101 1.67 -4.14 -7.03
C PRO B 101 0.99 -3.26 -5.97
N GLY B 102 -0.05 -2.57 -6.40
CA GLY B 102 -0.72 -1.59 -5.52
C GLY B 102 -1.28 -0.48 -6.37
N THR B 103 -1.57 0.63 -5.76
CA THR B 103 -2.40 1.64 -6.43
C THR B 103 -1.69 2.26 -7.64
N PHE B 104 -0.36 2.19 -7.73
CA PHE B 104 0.37 2.86 -8.84
C PHE B 104 0.64 1.88 -9.97
N ASP B 105 0.24 0.63 -9.81
CA ASP B 105 0.48 -0.41 -10.85
C ASP B 105 -0.02 0.10 -12.22
N TYR B 106 0.84 0.06 -13.23
CA TYR B 106 0.55 0.57 -14.58
C TYR B 106 1.59 -0.02 -15.52
N TRP B 107 1.18 -0.49 -16.66
CA TRP B 107 2.06 -1.26 -17.59
C TRP B 107 2.18 -0.59 -18.95
N GLY B 108 3.36 -0.71 -19.55
CA GLY B 108 3.55 -0.41 -20.98
C GLY B 108 2.78 -1.42 -21.83
N GLN B 109 2.70 -1.17 -23.14
CA GLN B 109 1.94 -2.04 -24.08
C GLN B 109 2.79 -3.26 -24.45
N GLY B 110 4.04 -3.29 -24.08
CA GLY B 110 4.95 -4.40 -24.39
C GLY B 110 5.71 -4.19 -25.71
N THR B 111 6.87 -4.82 -25.80
CA THR B 111 7.78 -4.84 -26.96
C THR B 111 8.08 -6.30 -27.25
N THR B 112 7.70 -6.78 -28.42
CA THR B 112 8.09 -8.14 -28.90
C THR B 112 9.53 -8.10 -29.39
N LEU B 113 10.37 -8.96 -28.84
CA LEU B 113 11.73 -9.19 -29.37
C LEU B 113 11.72 -10.58 -30.02
N THR B 114 12.09 -10.65 -31.29
CA THR B 114 12.34 -11.92 -31.99
C THR B 114 13.82 -12.02 -32.31
N VAL B 115 14.48 -13.06 -31.78
CA VAL B 115 15.87 -13.41 -32.14
C VAL B 115 15.80 -14.49 -33.22
N SER B 116 16.25 -14.16 -34.44
CA SER B 116 16.41 -15.11 -35.58
C SER B 116 17.00 -16.42 -35.06
N GLY B 126 22.78 -23.56 -22.63
CA GLY B 126 22.88 -23.19 -21.22
C GLY B 126 23.62 -21.89 -21.02
N GLY B 127 23.56 -20.94 -21.96
CA GLY B 127 24.18 -19.60 -21.76
C GLY B 127 23.30 -18.64 -20.97
N GLY B 128 22.01 -18.96 -20.82
CA GLY B 128 21.09 -18.12 -20.04
C GLY B 128 21.33 -18.22 -18.55
N GLY B 129 20.75 -17.28 -17.80
CA GLY B 129 20.83 -17.25 -16.33
C GLY B 129 19.92 -18.33 -15.80
N SER B 130 20.15 -18.78 -14.56
CA SER B 130 19.24 -19.69 -13.82
C SER B 130 18.74 -18.97 -12.57
N SER B 131 17.59 -19.39 -12.02
CA SER B 131 17.09 -18.93 -10.72
C SER B 131 18.04 -19.40 -9.61
N GLY B 132 18.10 -18.68 -8.49
CA GLY B 132 18.74 -19.11 -7.24
C GLY B 132 17.95 -20.21 -6.56
N SER B 133 18.62 -21.12 -5.85
CA SER B 133 17.96 -22.17 -5.05
C SER B 133 17.20 -21.51 -3.89
N SER B 134 17.54 -20.27 -3.57
CA SER B 134 16.94 -19.46 -2.47
C SER B 134 15.71 -18.66 -2.94
N ASP B 135 15.49 -18.54 -4.24
CA ASP B 135 14.33 -17.75 -4.76
C ASP B 135 13.00 -18.36 -4.34
N VAL B 136 11.97 -17.52 -4.09
CA VAL B 136 10.61 -18.08 -3.83
C VAL B 136 10.06 -18.61 -5.14
N VAL B 137 9.51 -19.84 -5.12
CA VAL B 137 8.79 -20.45 -6.26
C VAL B 137 7.30 -20.34 -5.97
N MET B 138 6.58 -19.79 -6.93
CA MET B 138 5.11 -19.70 -6.87
C MET B 138 4.54 -20.71 -7.83
N THR B 139 3.79 -21.67 -7.30
CA THR B 139 3.28 -22.81 -8.08
C THR B 139 1.77 -22.67 -8.24
N GLN B 140 1.32 -22.53 -9.47
CA GLN B 140 -0.12 -22.67 -9.79
C GLN B 140 -0.28 -24.11 -10.32
N SER B 141 -0.86 -24.97 -9.53
CA SER B 141 -0.95 -26.42 -9.82
C SER B 141 -1.86 -26.70 -11.03
N HIS B 142 -2.81 -25.81 -11.39
CA HIS B 142 -3.64 -26.01 -12.61
C HIS B 142 -3.23 -25.02 -13.69
N LYS B 143 -2.65 -25.51 -14.79
CA LYS B 143 -2.31 -24.65 -15.96
C LYS B 143 -3.59 -24.32 -16.73
N PHE B 144 -4.58 -25.19 -16.62
CA PHE B 144 -5.90 -25.02 -17.29
C PHE B 144 -7.01 -25.25 -16.31
N MET B 145 -8.02 -24.39 -16.38
CA MET B 145 -9.29 -24.57 -15.64
C MET B 145 -10.46 -24.26 -16.56
N SER B 146 -11.52 -25.04 -16.43
CA SER B 146 -12.78 -24.88 -17.20
C SER B 146 -13.87 -24.33 -16.27
N THR B 147 -14.72 -23.41 -16.75
CA THR B 147 -15.93 -23.00 -16.00
C THR B 147 -17.14 -22.81 -16.92
N SER B 148 -18.28 -22.57 -16.31
CA SER B 148 -19.51 -22.14 -17.00
C SER B 148 -19.87 -20.75 -16.48
N VAL B 149 -20.39 -19.90 -17.36
CA VAL B 149 -20.82 -18.54 -16.95
C VAL B 149 -21.72 -18.65 -15.70
N GLY B 150 -21.42 -17.83 -14.68
CA GLY B 150 -22.21 -17.75 -13.43
C GLY B 150 -21.66 -18.61 -12.30
N ASP B 151 -20.73 -19.49 -12.59
CA ASP B 151 -20.11 -20.33 -11.55
C ASP B 151 -19.11 -19.53 -10.72
N ARG B 152 -18.68 -20.12 -9.61
CA ARG B 152 -17.58 -19.55 -8.80
C ARG B 152 -16.30 -20.26 -9.25
N VAL B 153 -15.25 -19.49 -9.48
CA VAL B 153 -13.95 -20.00 -9.94
C VAL B 153 -12.96 -19.77 -8.79
N SER B 154 -12.18 -20.77 -8.41
CA SER B 154 -11.09 -20.61 -7.41
C SER B 154 -9.75 -21.05 -8.04
N ILE B 155 -8.80 -20.12 -8.14
CA ILE B 155 -7.48 -20.34 -8.76
C ILE B 155 -6.45 -20.25 -7.64
N THR B 156 -5.68 -21.31 -7.43
CA THR B 156 -4.81 -21.45 -6.25
C THR B 156 -3.36 -21.27 -6.66
N CYS B 157 -2.60 -20.79 -5.69
CA CYS B 157 -1.17 -20.54 -5.85
C CYS B 157 -0.52 -20.93 -4.53
N LYS B 158 0.52 -21.76 -4.57
CA LYS B 158 1.30 -22.11 -3.38
C LYS B 158 2.69 -21.48 -3.51
N ALA B 159 3.16 -20.85 -2.44
CA ALA B 159 4.52 -20.30 -2.34
C ALA B 159 5.40 -21.34 -1.65
N SER B 160 6.65 -21.42 -2.10
CA SER B 160 7.67 -22.38 -1.56
C SER B 160 8.13 -21.93 -0.17
N GLN B 161 7.92 -20.65 0.19
CA GLN B 161 8.20 -20.16 1.56
C GLN B 161 7.17 -19.13 1.96
N ASP B 162 7.14 -18.83 3.25
CA ASP B 162 6.19 -17.87 3.86
C ASP B 162 6.39 -16.51 3.18
N VAL B 163 5.40 -16.00 2.44
CA VAL B 163 5.51 -14.66 1.81
C VAL B 163 4.51 -13.70 2.50
N GLY B 164 3.99 -14.06 3.68
CA GLY B 164 3.08 -13.18 4.44
C GLY B 164 1.81 -12.99 3.64
N THR B 165 1.40 -11.74 3.41
CA THR B 165 0.27 -11.38 2.53
C THR B 165 0.73 -10.52 1.33
N ALA B 166 2.01 -10.56 0.96
CA ALA B 166 2.56 -9.78 -0.19
C ALA B 166 2.39 -10.59 -1.48
N VAL B 167 1.15 -10.78 -1.87
CA VAL B 167 0.79 -11.55 -3.09
C VAL B 167 -0.17 -10.69 -3.90
N ALA B 168 0.09 -10.69 -5.19
CA ALA B 168 -0.75 -10.02 -6.18
C ALA B 168 -1.29 -11.02 -7.16
N TRP B 169 -2.42 -10.69 -7.79
CA TRP B 169 -3.02 -11.48 -8.90
C TRP B 169 -3.21 -10.56 -10.08
N TYR B 170 -2.75 -11.04 -11.25
CA TYR B 170 -2.91 -10.37 -12.57
C TYR B 170 -3.76 -11.23 -13.50
N GLN B 171 -4.54 -10.56 -14.35
CA GLN B 171 -5.21 -11.14 -15.53
C GLN B 171 -4.37 -10.75 -16.76
N GLN B 172 -4.24 -11.66 -17.71
CA GLN B 172 -3.66 -11.30 -19.02
C GLN B 172 -4.46 -11.93 -20.17
N LYS B 173 -4.91 -11.09 -21.08
CA LYS B 173 -5.49 -11.49 -22.37
C LYS B 173 -4.42 -11.42 -23.48
N PRO B 174 -4.61 -12.19 -24.56
CA PRO B 174 -3.65 -12.22 -25.65
C PRO B 174 -3.44 -10.82 -26.24
N GLY B 175 -2.16 -10.47 -26.48
CA GLY B 175 -1.69 -9.17 -27.01
C GLY B 175 -2.02 -7.97 -26.12
N GLN B 176 -2.44 -8.20 -24.87
CA GLN B 176 -2.73 -7.10 -23.91
C GLN B 176 -1.72 -7.16 -22.76
N SER B 177 -1.58 -6.06 -22.05
CA SER B 177 -0.67 -6.00 -20.89
C SER B 177 -1.38 -6.62 -19.69
N PRO B 178 -0.64 -7.24 -18.75
CA PRO B 178 -1.24 -7.74 -17.51
C PRO B 178 -2.03 -6.63 -16.80
N LYS B 179 -3.13 -7.01 -16.15
CA LYS B 179 -3.97 -6.08 -15.38
C LYS B 179 -4.00 -6.53 -13.93
N LEU B 180 -3.70 -5.62 -13.00
CA LEU B 180 -3.68 -5.98 -11.57
C LEU B 180 -5.13 -6.22 -11.12
N LEU B 181 -5.38 -7.33 -10.45
CA LEU B 181 -6.72 -7.57 -9.87
C LEU B 181 -6.71 -7.30 -8.34
N ILE B 182 -5.77 -7.91 -7.65
CA ILE B 182 -5.72 -8.10 -6.19
C ILE B 182 -4.29 -7.82 -5.76
N TYR B 183 -4.13 -7.11 -4.68
CA TYR B 183 -2.81 -6.98 -4.01
C TYR B 183 -2.99 -7.06 -2.50
N TRP B 184 -1.88 -7.22 -1.80
CA TRP B 184 -1.87 -7.57 -0.36
C TRP B 184 -2.83 -8.75 -0.09
N ALA B 185 -2.86 -9.70 -1.01
CA ALA B 185 -3.57 -10.99 -0.93
C ALA B 185 -5.07 -10.84 -1.16
N SER B 186 -5.68 -9.76 -0.66
CA SER B 186 -7.17 -9.66 -0.58
C SER B 186 -7.72 -8.29 -0.97
N THR B 187 -6.88 -7.33 -1.37
CA THR B 187 -7.32 -5.95 -1.70
C THR B 187 -7.57 -5.81 -3.20
N ARG B 188 -8.81 -5.47 -3.56
CA ARG B 188 -9.16 -5.31 -4.99
CA ARG B 188 -9.13 -5.32 -4.99
C ARG B 188 -8.60 -3.98 -5.48
N HIS B 189 -7.93 -4.00 -6.62
CA HIS B 189 -7.43 -2.78 -7.30
C HIS B 189 -8.59 -1.92 -7.83
N THR B 190 -8.39 -0.60 -7.85
CA THR B 190 -9.39 0.36 -8.35
C THR B 190 -9.95 -0.09 -9.69
N GLY B 191 -11.27 -0.17 -9.88
CA GLY B 191 -11.86 -0.42 -11.21
C GLY B 191 -12.01 -1.88 -11.54
N VAL B 192 -11.47 -2.79 -10.73
CA VAL B 192 -11.64 -4.24 -10.94
C VAL B 192 -13.06 -4.60 -10.54
N PRO B 193 -13.76 -5.41 -11.34
CA PRO B 193 -15.11 -5.84 -10.97
C PRO B 193 -15.20 -6.47 -9.58
N ASP B 194 -16.32 -6.16 -8.91
CA ASP B 194 -16.59 -6.57 -7.51
C ASP B 194 -16.42 -8.07 -7.34
N ARG B 195 -16.72 -8.86 -8.37
CA ARG B 195 -16.72 -10.36 -8.27
C ARG B 195 -15.33 -10.96 -8.06
N PHE B 196 -14.25 -10.17 -8.21
CA PHE B 196 -12.86 -10.68 -7.96
C PHE B 196 -12.52 -10.47 -6.49
N THR B 197 -12.20 -11.55 -5.79
CA THR B 197 -11.72 -11.50 -4.39
C THR B 197 -10.45 -12.32 -4.26
N GLY B 198 -9.67 -12.01 -3.24
CA GLY B 198 -8.48 -12.82 -2.93
C GLY B 198 -8.45 -13.22 -1.49
N SER B 199 -7.80 -14.32 -1.19
CA SER B 199 -7.60 -14.75 0.20
C SER B 199 -6.26 -15.46 0.32
N GLY B 200 -5.83 -15.59 1.56
CA GLY B 200 -4.63 -16.40 1.84
C GLY B 200 -3.56 -15.60 2.58
N SER B 201 -2.67 -16.35 3.16
CA SER B 201 -1.46 -15.81 3.84
CA SER B 201 -1.53 -15.84 3.96
C SER B 201 -0.49 -16.96 4.02
N GLY B 202 0.77 -16.63 4.21
CA GLY B 202 1.81 -17.64 4.44
C GLY B 202 2.19 -18.27 3.10
N THR B 203 1.68 -19.44 2.80
CA THR B 203 2.08 -20.20 1.59
C THR B 203 0.90 -20.52 0.69
N ASP B 204 -0.33 -20.22 1.08
CA ASP B 204 -1.50 -20.68 0.28
C ASP B 204 -2.33 -19.46 -0.11
N PHE B 205 -2.57 -19.29 -1.39
CA PHE B 205 -3.34 -18.14 -1.89
C PHE B 205 -4.37 -18.60 -2.90
N THR B 206 -5.50 -17.88 -2.93
CA THR B 206 -6.61 -18.14 -3.86
C THR B 206 -7.14 -16.83 -4.44
N LEU B 207 -7.30 -16.82 -5.76
CA LEU B 207 -8.13 -15.81 -6.47
C LEU B 207 -9.49 -16.42 -6.70
N THR B 208 -10.55 -15.75 -6.21
CA THR B 208 -11.93 -16.23 -6.44
C THR B 208 -12.59 -15.28 -7.42
N ILE B 209 -13.25 -15.85 -8.44
CA ILE B 209 -14.11 -15.08 -9.36
C ILE B 209 -15.51 -15.61 -9.12
N SER B 210 -16.33 -14.87 -8.40
CA SER B 210 -17.77 -15.19 -8.19
C SER B 210 -18.54 -14.85 -9.46
N ASN B 211 -19.59 -15.59 -9.77
CA ASN B 211 -20.49 -15.24 -10.90
C ASN B 211 -19.66 -14.95 -12.16
N VAL B 212 -18.77 -15.85 -12.52
CA VAL B 212 -17.80 -15.65 -13.61
C VAL B 212 -18.51 -15.36 -14.94
N GLN B 213 -17.98 -14.38 -15.68
CA GLN B 213 -18.50 -13.96 -17.00
C GLN B 213 -17.53 -14.35 -18.13
N SER B 214 -18.03 -14.42 -19.36
CA SER B 214 -17.23 -14.75 -20.56
C SER B 214 -16.05 -13.76 -20.70
N GLU B 215 -16.18 -12.50 -20.28
CA GLU B 215 -15.07 -11.52 -20.41
C GLU B 215 -13.92 -11.89 -19.43
N ASP B 216 -14.16 -12.80 -18.49
CA ASP B 216 -13.17 -13.23 -17.47
C ASP B 216 -12.32 -14.41 -17.96
N LEU B 217 -12.61 -14.95 -19.15
CA LEU B 217 -11.78 -16.05 -19.73
C LEU B 217 -10.46 -15.42 -20.17
N ALA B 218 -9.36 -15.88 -19.62
CA ALA B 218 -8.06 -15.19 -19.68
C ALA B 218 -7.04 -16.05 -18.95
N ASP B 219 -5.78 -15.64 -18.97
CA ASP B 219 -4.73 -16.23 -18.10
C ASP B 219 -4.66 -15.46 -16.80
N TYR B 220 -4.43 -16.16 -15.71
CA TYR B 220 -4.30 -15.56 -14.34
C TYR B 220 -2.95 -15.98 -13.77
N PHE B 221 -2.22 -15.02 -13.19
CA PHE B 221 -0.87 -15.25 -12.62
C PHE B 221 -0.87 -14.68 -11.20
N CYS B 222 -0.35 -15.42 -10.24
CA CYS B 222 -0.01 -14.86 -8.90
C CYS B 222 1.41 -14.29 -8.97
N GLN B 223 1.73 -13.39 -8.08
CA GLN B 223 3.10 -12.86 -7.91
C GLN B 223 3.33 -12.69 -6.41
N GLN B 224 4.51 -13.03 -5.91
CA GLN B 224 4.88 -12.58 -4.54
C GLN B 224 5.80 -11.36 -4.66
N TYR B 225 5.64 -10.41 -3.77
CA TYR B 225 6.56 -9.25 -3.64
C TYR B 225 7.04 -9.11 -2.19
N SER B 226 7.09 -10.24 -1.48
CA SER B 226 7.68 -10.37 -0.13
C SER B 226 9.20 -10.19 -0.19
N SER B 227 9.91 -10.75 -1.18
CA SER B 227 11.39 -10.72 -1.23
C SER B 227 11.83 -10.66 -2.68
N TYR B 228 13.00 -10.09 -2.93
CA TYR B 228 13.62 -10.12 -4.28
C TYR B 228 14.37 -11.43 -4.47
N PRO B 229 14.39 -12.04 -5.67
CA PRO B 229 13.69 -11.48 -6.81
C PRO B 229 12.18 -11.71 -6.74
N LEU B 230 11.42 -10.77 -7.26
CA LEU B 230 9.96 -10.90 -7.33
C LEU B 230 9.71 -12.07 -8.26
N THR B 231 8.78 -12.97 -7.93
CA THR B 231 8.54 -14.18 -8.75
C THR B 231 7.03 -14.36 -8.97
N PHE B 232 6.70 -14.95 -10.10
CA PHE B 232 5.31 -15.17 -10.57
C PHE B 232 5.03 -16.65 -10.57
N GLY B 233 3.76 -17.01 -10.41
CA GLY B 233 3.25 -18.35 -10.73
C GLY B 233 3.35 -18.61 -12.23
N GLY B 234 3.23 -19.88 -12.61
CA GLY B 234 3.28 -20.26 -14.04
C GLY B 234 2.01 -19.95 -14.80
N GLY B 235 0.94 -19.47 -14.17
CA GLY B 235 -0.27 -19.09 -14.91
C GLY B 235 -1.32 -20.18 -14.93
N THR B 236 -2.58 -19.77 -14.91
CA THR B 236 -3.76 -20.63 -15.16
C THR B 236 -4.53 -19.97 -16.30
N LYS B 237 -4.83 -20.75 -17.33
CA LYS B 237 -5.75 -20.35 -18.42
C LYS B 237 -7.16 -20.80 -18.05
N LEU B 238 -8.04 -19.82 -17.83
CA LEU B 238 -9.46 -20.12 -17.53
C LEU B 238 -10.22 -20.17 -18.85
N GLU B 239 -10.89 -21.28 -19.10
CA GLU B 239 -11.66 -21.51 -20.36
C GLU B 239 -13.09 -21.91 -20.07
N MET B 240 -13.96 -21.78 -21.08
CA MET B 240 -15.36 -22.26 -21.05
C MET B 240 -15.38 -23.80 -21.13
N LYS B 241 -16.07 -24.48 -20.22
CA LYS B 241 -16.37 -25.94 -20.36
C LYS B 241 -16.63 -26.29 -21.84
N ALA C 1 -10.88 2.60 0.95
CA ALA C 1 -10.16 1.91 2.03
C ALA C 1 -10.63 0.46 1.93
N PRO C 2 -9.72 -0.53 2.15
CA PRO C 2 -8.31 -0.27 2.62
C PRO C 2 -7.35 0.12 1.61
N GLY C 3 -7.66 -0.14 0.34
CA GLY C 3 -6.87 0.25 -0.88
C GLY C 3 -7.11 1.74 -1.13
N SER C 4 -6.21 2.37 -1.84
CA SER C 4 -6.33 3.84 -2.04
C SER C 4 -6.29 4.16 -3.48
N THR C 5 -6.81 5.26 -3.90
CA THR C 5 -6.90 5.55 -5.34
C THR C 5 -5.77 6.40 -5.79
N ALA C 6 -5.39 6.19 -7.02
CA ALA C 6 -4.31 6.95 -7.60
C ALA C 6 -4.79 8.36 -7.98
N PRO C 7 -3.79 9.25 -8.27
CA PRO C 7 -4.13 10.59 -8.65
C PRO C 7 -4.80 10.76 -9.88
N NH2 C 8 -4.80 9.83 -10.75
N ALA D 1 10.54 -3.77 -0.47
CA ALA D 1 9.48 -4.80 -0.63
C ALA D 1 9.29 -5.58 0.69
N PRO D 2 8.06 -5.88 1.06
CA PRO D 2 6.82 -5.54 0.34
C PRO D 2 6.40 -4.17 0.40
N GLY D 3 6.82 -3.41 1.39
CA GLY D 3 6.51 -1.95 1.55
C GLY D 3 7.36 -1.19 0.54
N SER D 4 7.02 0.05 0.26
CA SER D 4 7.77 0.82 -0.72
C SER D 4 8.21 2.08 -0.10
N THR D 5 9.23 2.74 -0.61
CA THR D 5 9.74 3.92 -0.04
C THR D 5 9.17 5.17 -0.71
N ALA D 6 8.94 6.16 0.12
CA ALA D 6 8.45 7.45 -0.33
C ALA D 6 9.52 8.22 -1.13
N PRO D 7 9.08 9.18 -1.93
CA PRO D 7 10.02 9.95 -2.78
C PRO D 7 10.82 10.88 -2.10
N NH2 D 8 10.66 11.08 -0.79
C1 EDO E . -5.74 8.00 8.45
O1 EDO E . -6.36 8.30 9.81
C2 EDO E . -4.38 7.32 8.78
O2 EDO E . -4.01 7.00 10.24
C1 EDO F . -11.26 12.57 21.65
O1 EDO F . -12.63 12.29 21.64
C2 EDO F . -10.43 11.37 21.75
O2 EDO F . -9.57 11.34 20.66
C1 EDO G . -20.44 17.82 8.04
O1 EDO G . -20.35 18.41 9.40
C2 EDO G . -20.17 18.79 6.94
O2 EDO G . -21.21 19.78 6.99
C1 EDO H . -19.32 14.34 2.61
O1 EDO H . -18.94 15.38 1.74
C2 EDO H . -20.63 14.44 3.24
O2 EDO H . -21.27 13.18 3.29
C1 EDO I . -17.15 9.08 -0.37
O1 EDO I . -15.92 8.69 -1.01
C2 EDO I . -16.99 10.42 0.21
O2 EDO I . -18.08 10.82 0.99
C1 EDO J . -1.06 3.48 36.08
O1 EDO J . -2.31 2.93 36.48
C2 EDO J . 0.04 2.50 36.22
O2 EDO J . 1.23 2.88 35.59
C1 EDO K . 19.90 -4.73 23.71
O1 EDO K . 20.48 -3.96 22.99
C2 EDO K . 20.28 -4.75 25.13
O2 EDO K . 19.02 -5.18 25.58
C1 EDO L . -0.27 8.61 -11.38
O1 EDO L . 0.59 9.18 -10.54
C2 EDO L . -1.31 7.83 -10.71
O2 EDO L . -1.93 6.93 -11.58
C1 EDO M . -2.37 0.66 -18.81
O1 EDO M . -2.74 -0.44 -19.60
C2 EDO M . -2.38 0.36 -17.34
O2 EDO M . -1.55 -0.68 -17.01
C1 EDO N . 6.53 -5.28 -9.91
O1 EDO N . 6.98 -6.34 -10.86
C2 EDO N . 5.01 -5.34 -9.88
O2 EDO N . 4.30 -6.52 -10.51
C1 EDO O . 24.05 -15.79 -13.87
O1 EDO O . 22.82 -16.47 -13.49
C2 EDO O . 24.56 -16.21 -15.22
O2 EDO O . 25.88 -15.76 -15.49
C1 EDO P . -4.14 -0.28 -14.17
O1 EDO P . -3.63 0.36 -13.03
C2 EDO P . -5.00 -1.40 -13.79
O2 EDO P . -5.07 -2.38 -14.80
O5 A2G Q . -3.25 6.66 -0.67
C1 A2G Q . -4.57 6.62 -0.29
C2 A2G Q . -5.23 8.05 -0.09
N2 A2G Q . -6.61 7.95 0.25
C3 A2G Q . -4.99 8.91 -1.40
O3 A2G Q . -5.51 10.19 -1.06
C4 A2G Q . -3.45 8.91 -1.60
O4 A2G Q . -2.81 9.50 -0.48
C5 A2G Q . -2.94 7.44 -1.80
C6 A2G Q . -1.47 7.44 -2.22
O6 A2G Q . -1.14 6.31 -2.90
C7 A2G Q . -7.08 8.48 1.39
O7 A2G Q . -6.36 9.01 2.27
C8 A2G Q . -8.56 8.40 1.57
O5 A2G R . -10.33 8.56 -4.76
C1 A2G R . -8.92 8.65 -5.04
C2 A2G R . -8.35 9.77 -4.22
N2 A2G R . -6.89 9.74 -4.42
C3 A2G R . -8.69 9.47 -2.71
O3 A2G R . -8.08 10.50 -1.96
C4 A2G R . -10.22 9.32 -2.52
O4 A2G R . -10.82 10.57 -2.84
C5 A2G R . -10.68 8.22 -3.38
C6 A2G R . -12.19 8.22 -3.37
O6 A2G R . -12.66 7.08 -4.12
C7 A2G R . -6.28 10.89 -4.81
O7 A2G R . -6.86 11.98 -4.85
C8 A2G R . -4.78 10.85 -4.98
O5 A2G S . 5.81 2.24 -4.34
C1 A2G S . 6.97 1.38 -4.19
C2 A2G S . 7.96 1.61 -5.35
N2 A2G S . 9.10 0.74 -5.13
C3 A2G S . 8.36 3.07 -5.37
O3 A2G S . 9.30 3.39 -6.41
C4 A2G S . 7.15 3.93 -5.52
O4 A2G S . 6.48 3.54 -6.72
C5 A2G S . 6.20 3.61 -4.36
C6 A2G S . 4.97 4.47 -4.46
O6 A2G S . 4.39 4.62 -3.19
C7 A2G S . 9.56 -0.01 -6.16
O7 A2G S . 8.91 -0.23 -7.21
C8 A2G S . 10.78 -0.83 -5.83
O5 A2G T . 13.81 3.48 -2.04
C1 A2G T . 12.65 4.35 -2.16
C2 A2G T . 12.34 4.41 -3.64
N2 A2G T . 11.12 5.16 -3.85
C3 A2G T . 12.19 3.03 -4.27
O3 A2G T . 11.88 3.07 -5.69
C4 A2G T . 13.52 2.19 -3.97
O4 A2G T . 14.69 2.73 -4.64
C5 A2G T . 13.73 2.16 -2.48
C6 A2G T . 15.13 1.53 -2.15
O6 A2G T . 15.18 1.46 -0.73
C7 A2G T . 11.10 6.14 -4.75
O7 A2G T . 12.07 6.50 -5.41
C8 A2G T . 9.78 6.85 -4.86
#